data_7Y7U
#
_entry.id   7Y7U
#
_cell.length_a   166.510
_cell.length_b   166.510
_cell.length_c   166.510
_cell.angle_alpha   90.000
_cell.angle_beta   90.000
_cell.angle_gamma   90.000
#
_symmetry.space_group_name_H-M   'P 41 3 2'
#
loop_
_entity.id
_entity.type
_entity.pdbx_description
1 polymer 'MBL fold metallo-hydrolase'
2 non-polymer 'ZINC ION'
3 water water
#
_entity_poly.entity_id   1
_entity_poly.type   'polypeptide(L)'
_entity_poly.pdbx_seq_one_letter_code
;MTGAGALRYKVGDFEVTALLDGYLDVTPEVVVGYDEAEGQRLRDKSLIEGNALRIPVNAYLVNTGDRLVLVDAGTSDALG
PTMGRLPSALEAAGVSADQVDAILITHMHPDHLFGVVDGEGKRVFANAELILPEVDNAFWYDDAAMNGAPEQFKPFFLGA
RKAAEAYKGNQTLISGDQEVLPGIRSMALPGHTPGHTGYLFDSNGETLAIAGDIIHMTAYQFDRPDWGIGFDIDSPKAVE
TRKAFLDQAAGDKLFFAGAHIPFPGMGRVVKEGDGYRFVAANWPYAYTGLEVLFQ
;
_entity_poly.pdbx_strand_id   A,B
#
# COMPACT_ATOMS: atom_id res chain seq x y z
N GLY A 5 -0.69 -10.18 -2.53
CA GLY A 5 -1.57 -9.90 -1.37
C GLY A 5 -1.04 -10.52 -0.08
N ALA A 6 0.27 -10.36 0.18
CA ALA A 6 0.92 -10.74 1.43
C ALA A 6 1.98 -9.69 1.73
N LEU A 7 1.92 -9.04 2.89
CA LEU A 7 2.92 -8.05 3.29
C LEU A 7 3.37 -8.34 4.73
N ARG A 8 4.68 -8.33 4.99
CA ARG A 8 5.22 -8.79 6.26
C ARG A 8 5.74 -7.64 7.12
N TYR A 9 5.27 -7.56 8.38
CA TYR A 9 5.68 -6.59 9.37
C TYR A 9 6.22 -7.31 10.62
N LYS A 10 6.97 -6.59 11.45
CA LYS A 10 7.46 -7.13 12.70
C LYS A 10 6.81 -6.38 13.85
N VAL A 11 6.31 -7.11 14.84
CA VAL A 11 5.85 -6.50 16.09
C VAL A 11 6.67 -7.15 17.22
N GLY A 12 7.73 -6.48 17.66
CA GLY A 12 8.66 -7.15 18.58
C GLY A 12 9.28 -8.36 17.87
N ASP A 13 9.20 -9.54 18.50
CA ASP A 13 9.64 -10.82 17.94
C ASP A 13 8.57 -11.53 17.07
N PHE A 14 7.33 -11.02 17.07
CA PHE A 14 6.31 -11.58 16.19
C PHE A 14 6.52 -11.09 14.75
N GLU A 15 6.38 -11.99 13.78
CA GLU A 15 6.18 -11.58 12.40
C GLU A 15 4.69 -11.62 12.07
N VAL A 16 4.16 -10.49 11.57
CA VAL A 16 2.74 -10.41 11.23
C VAL A 16 2.65 -10.19 9.73
N THR A 17 2.01 -11.14 9.00
CA THR A 17 1.83 -10.99 7.56
C THR A 17 0.37 -10.65 7.26
N ALA A 18 0.11 -9.48 6.67
CA ALA A 18 -1.24 -9.18 6.17
C ALA A 18 -1.51 -10.05 4.95
N LEU A 19 -2.71 -10.64 4.88
CA LEU A 19 -3.07 -11.51 3.78
C LEU A 19 -4.40 -11.03 3.17
N LEU A 20 -4.44 -10.85 1.85
CA LEU A 20 -5.66 -10.38 1.20
C LEU A 20 -6.51 -11.57 0.74
N ASP A 21 -7.70 -11.73 1.31
CA ASP A 21 -8.61 -12.77 0.87
C ASP A 21 -9.40 -12.33 -0.38
N GLY A 22 -9.53 -11.02 -0.63
CA GLY A 22 -10.32 -10.58 -1.77
C GLY A 22 -11.01 -9.27 -1.44
N TYR A 23 -12.17 -9.02 -2.09
CA TYR A 23 -12.78 -7.72 -1.95
C TYR A 23 -14.29 -7.86 -2.16
N LEU A 24 -15.02 -6.82 -1.75
CA LEU A 24 -16.43 -6.76 -2.15
C LEU A 24 -16.80 -5.29 -2.32
N ASP A 25 -17.92 -5.03 -2.99
CA ASP A 25 -18.35 -3.66 -3.27
C ASP A 25 -19.63 -3.36 -2.50
N VAL A 26 -19.70 -2.17 -1.89
CA VAL A 26 -20.89 -1.80 -1.12
C VAL A 26 -21.35 -0.42 -1.58
N THR A 27 -22.67 -0.18 -1.51
CA THR A 27 -23.26 1.08 -1.91
C THR A 27 -24.00 1.63 -0.68
N PRO A 28 -24.51 2.88 -0.70
CA PRO A 28 -25.08 3.53 0.49
C PRO A 28 -26.22 2.83 1.23
N GLU A 29 -26.93 1.92 0.57
CA GLU A 29 -28.12 1.36 1.21
C GLU A 29 -27.74 0.43 2.37
N VAL A 30 -26.47 -0.01 2.48
CA VAL A 30 -26.08 -0.84 3.61
C VAL A 30 -25.63 0.02 4.80
N VAL A 31 -25.56 1.34 4.62
CA VAL A 31 -25.03 2.23 5.63
C VAL A 31 -26.15 2.67 6.58
N VAL A 32 -25.99 2.40 7.88
CA VAL A 32 -26.91 2.91 8.88
C VAL A 32 -26.56 4.36 9.25
N GLY A 33 -27.51 5.30 9.08
CA GLY A 33 -27.32 6.69 9.48
C GLY A 33 -26.90 7.52 8.28
N TYR A 34 -26.82 6.87 7.12
CA TYR A 34 -26.26 7.51 5.93
C TYR A 34 -27.05 8.77 5.61
N ASP A 35 -26.36 9.80 5.12
CA ASP A 35 -27.02 10.97 4.58
C ASP A 35 -26.32 11.34 3.28
N GLU A 36 -27.09 11.56 2.19
CA GLU A 36 -26.52 11.70 0.85
C GLU A 36 -25.59 12.91 0.69
N ALA A 37 -25.93 14.06 1.29
CA ALA A 37 -25.09 15.25 1.13
C ALA A 37 -23.71 15.01 1.80
N GLU A 38 -23.71 14.33 2.94
CA GLU A 38 -22.46 14.05 3.64
C GLU A 38 -21.68 12.91 2.94
N GLY A 39 -22.38 11.84 2.53
CA GLY A 39 -21.82 10.75 1.72
C GLY A 39 -21.06 11.31 0.52
N GLN A 40 -21.65 12.27 -0.20
CA GLN A 40 -21.02 12.80 -1.41
C GLN A 40 -19.80 13.64 -1.01
N ARG A 41 -19.92 14.39 0.10
CA ARG A 41 -18.80 15.20 0.57
C ARG A 41 -17.60 14.28 0.90
N LEU A 42 -17.83 13.20 1.63
CA LEU A 42 -16.80 12.25 2.05
C LEU A 42 -16.24 11.50 0.83
N ARG A 43 -17.10 11.12 -0.15
CA ARG A 43 -16.58 10.53 -1.38
C ARG A 43 -15.69 11.52 -2.15
N ASP A 44 -16.08 12.82 -2.22
CA ASP A 44 -15.26 13.81 -2.95
C ASP A 44 -13.87 13.98 -2.31
N LYS A 45 -13.84 13.95 -0.96
CA LYS A 45 -12.63 14.02 -0.14
C LYS A 45 -11.64 12.90 -0.52
N SER A 46 -12.13 11.70 -0.81
CA SER A 46 -11.27 10.61 -1.28
C SER A 46 -11.26 10.42 -2.80
N LEU A 47 -11.83 11.38 -3.55
CA LEU A 47 -11.91 11.32 -5.01
C LEU A 47 -12.58 10.04 -5.52
N ILE A 48 -13.64 9.58 -4.83
CA ILE A 48 -14.41 8.45 -5.28
C ILE A 48 -15.54 8.96 -6.19
N GLU A 49 -15.64 8.40 -7.41
CA GLU A 49 -16.73 8.74 -8.33
C GLU A 49 -17.81 7.65 -8.22
N GLY A 50 -19.08 8.04 -8.32
CA GLY A 50 -20.14 7.06 -8.09
C GLY A 50 -20.30 6.84 -6.59
N ASN A 51 -21.08 5.84 -6.19
CA ASN A 51 -21.35 5.70 -4.77
C ASN A 51 -20.97 4.30 -4.27
N ALA A 52 -20.21 3.54 -5.07
CA ALA A 52 -19.75 2.21 -4.67
C ALA A 52 -18.39 2.33 -3.97
N LEU A 53 -18.23 1.65 -2.82
CA LEU A 53 -16.91 1.54 -2.18
C LEU A 53 -16.45 0.10 -2.30
N ARG A 54 -15.18 -0.10 -2.69
CA ARG A 54 -14.61 -1.44 -2.76
C ARG A 54 -13.84 -1.65 -1.46
N ILE A 55 -14.22 -2.67 -0.72
CA ILE A 55 -13.56 -2.86 0.56
C ILE A 55 -12.83 -4.20 0.53
N PRO A 56 -11.65 -4.31 1.19
CA PRO A 56 -10.91 -5.57 1.21
C PRO A 56 -11.52 -6.52 2.23
N VAL A 57 -11.12 -7.80 2.12
CA VAL A 57 -11.27 -8.77 3.20
C VAL A 57 -9.87 -9.27 3.58
N ASN A 58 -9.42 -8.90 4.79
CA ASN A 58 -8.06 -9.18 5.22
C ASN A 58 -8.06 -10.23 6.33
N ALA A 59 -6.97 -11.01 6.38
CA ALA A 59 -6.65 -11.85 7.51
C ALA A 59 -5.15 -11.67 7.80
N TYR A 60 -4.67 -12.20 8.94
CA TYR A 60 -3.34 -11.85 9.41
C TYR A 60 -2.68 -13.13 9.90
N LEU A 61 -1.48 -13.44 9.35
CA LEU A 61 -0.68 -14.55 9.84
C LEU A 61 0.35 -14.01 10.85
N VAL A 62 0.34 -14.59 12.05
CA VAL A 62 1.30 -14.22 13.10
C VAL A 62 2.19 -15.43 13.40
N ASN A 63 3.47 -15.23 13.12
CA ASN A 63 4.48 -16.20 13.50
C ASN A 63 5.02 -15.78 14.86
N THR A 64 4.74 -16.57 15.90
CA THR A 64 5.07 -16.15 17.26
C THR A 64 6.50 -16.58 17.63
N GLY A 65 7.21 -17.25 16.71
CA GLY A 65 8.51 -17.83 17.02
C GLY A 65 8.53 -19.33 16.76
N ASP A 66 7.60 -20.05 17.38
CA ASP A 66 7.51 -21.50 17.27
C ASP A 66 6.12 -21.93 16.79
N ARG A 67 5.28 -20.97 16.38
CA ARG A 67 3.88 -21.28 16.09
C ARG A 67 3.32 -20.31 15.06
N LEU A 68 2.49 -20.83 14.12
CA LEU A 68 1.86 -20.03 13.08
C LEU A 68 0.38 -19.92 13.39
N VAL A 69 -0.08 -18.70 13.62
CA VAL A 69 -1.45 -18.43 14.03
C VAL A 69 -2.07 -17.49 12.99
N LEU A 70 -3.27 -17.82 12.47
CA LEU A 70 -4.08 -16.93 11.62
C LEU A 70 -5.07 -16.20 12.50
N VAL A 71 -5.19 -14.89 12.27
CA VAL A 71 -6.35 -14.19 12.80
C VAL A 71 -7.30 -14.02 11.60
N ASP A 72 -8.44 -14.74 11.65
CA ASP A 72 -9.43 -14.83 10.59
C ASP A 72 -8.87 -15.65 9.43
N ALA A 73 -9.75 -16.07 8.50
CA ALA A 73 -9.39 -17.05 7.49
C ALA A 73 -10.06 -16.75 6.13
N GLY A 74 -10.65 -15.56 5.99
CA GLY A 74 -11.29 -15.19 4.74
C GLY A 74 -12.58 -16.01 4.54
N THR A 75 -13.01 -16.12 3.29
CA THR A 75 -14.39 -16.46 2.96
C THR A 75 -14.51 -17.81 2.26
N SER A 76 -13.39 -18.39 1.78
CA SER A 76 -13.51 -19.47 0.79
C SER A 76 -14.27 -18.99 -0.45
N ASP A 77 -15.18 -19.85 -0.93
CA ASP A 77 -15.98 -19.62 -2.14
C ASP A 77 -17.39 -19.13 -1.83
N ALA A 78 -17.71 -18.93 -0.54
CA ALA A 78 -19.05 -18.66 0.00
C ALA A 78 -19.66 -17.31 -0.35
N LEU A 79 -18.89 -16.36 -0.89
CA LEU A 79 -19.54 -15.11 -1.27
C LEU A 79 -19.20 -14.81 -2.73
N GLY A 80 -18.75 -15.84 -3.49
CA GLY A 80 -18.41 -15.68 -4.88
C GLY A 80 -16.91 -15.62 -5.18
N PRO A 81 -16.52 -15.50 -6.47
CA PRO A 81 -15.12 -15.49 -6.86
C PRO A 81 -14.30 -14.21 -6.58
N THR A 82 -14.89 -13.16 -5.99
CA THR A 82 -14.02 -12.02 -5.62
C THR A 82 -13.33 -12.23 -4.27
N MET A 83 -13.69 -13.29 -3.52
CA MET A 83 -13.03 -13.67 -2.28
C MET A 83 -12.52 -15.10 -2.37
N GLY A 84 -11.80 -15.55 -1.33
CA GLY A 84 -11.25 -16.90 -1.28
C GLY A 84 -9.78 -16.95 -1.71
N ARG A 85 -9.12 -15.78 -1.84
CA ARG A 85 -7.71 -15.68 -2.21
C ARG A 85 -6.73 -16.13 -1.12
N LEU A 86 -7.17 -16.35 0.12
CA LEU A 86 -6.26 -16.54 1.25
C LEU A 86 -5.27 -17.69 1.01
N PRO A 87 -5.68 -18.94 0.62
CA PRO A 87 -4.71 -20.03 0.38
C PRO A 87 -3.53 -19.64 -0.52
N SER A 88 -3.82 -18.92 -1.61
CA SER A 88 -2.82 -18.36 -2.51
C SER A 88 -2.04 -17.18 -1.91
N ALA A 89 -2.65 -16.33 -1.08
CA ALA A 89 -1.82 -15.36 -0.37
C ALA A 89 -0.85 -16.08 0.58
N LEU A 90 -1.31 -17.13 1.27
CA LEU A 90 -0.42 -17.88 2.17
C LEU A 90 0.76 -18.45 1.38
N GLU A 91 0.48 -19.07 0.21
CA GLU A 91 1.50 -19.58 -0.70
C GLU A 91 2.51 -18.50 -1.07
N ALA A 92 2.02 -17.31 -1.40
CA ALA A 92 2.89 -16.19 -1.77
C ALA A 92 3.74 -15.78 -0.57
N ALA A 93 3.28 -16.09 0.66
CA ALA A 93 4.08 -15.76 1.83
C ALA A 93 4.93 -16.95 2.25
N GLY A 94 4.97 -18.00 1.40
CA GLY A 94 5.80 -19.18 1.64
C GLY A 94 5.29 -20.08 2.76
N VAL A 95 3.99 -20.13 2.99
CA VAL A 95 3.43 -20.98 4.03
C VAL A 95 2.35 -21.83 3.38
N SER A 96 2.30 -23.13 3.71
CA SER A 96 1.17 -23.90 3.24
C SER A 96 0.17 -24.07 4.39
N ALA A 97 -1.07 -24.40 4.04
CA ALA A 97 -2.20 -24.48 4.94
C ALA A 97 -1.93 -25.46 6.08
N ASP A 98 -1.19 -26.54 5.78
CA ASP A 98 -0.96 -27.58 6.78
C ASP A 98 0.03 -27.14 7.86
N GLN A 99 0.75 -26.02 7.64
CA GLN A 99 1.65 -25.42 8.63
C GLN A 99 0.89 -24.57 9.66
N VAL A 100 -0.34 -24.10 9.36
CA VAL A 100 -1.07 -23.23 10.32
C VAL A 100 -1.44 -24.06 11.56
N ASP A 101 -1.10 -23.57 12.76
CA ASP A 101 -1.34 -24.29 14.01
C ASP A 101 -2.66 -23.89 14.67
N ALA A 102 -3.05 -22.62 14.55
CA ALA A 102 -4.26 -22.15 15.23
C ALA A 102 -4.90 -21.06 14.37
N ILE A 103 -6.24 -20.96 14.42
CA ILE A 103 -7.01 -19.88 13.77
C ILE A 103 -7.78 -19.19 14.89
N LEU A 104 -7.50 -17.90 15.14
CA LEU A 104 -8.20 -17.10 16.13
C LEU A 104 -9.28 -16.35 15.36
N ILE A 105 -10.55 -16.63 15.66
CA ILE A 105 -11.65 -16.04 14.91
C ILE A 105 -12.14 -14.77 15.63
N THR A 106 -12.23 -13.62 14.92
CA THR A 106 -12.79 -12.41 15.53
C THR A 106 -14.31 -12.52 15.74
N HIS A 107 -14.99 -13.15 14.76
CA HIS A 107 -16.43 -13.36 14.81
C HIS A 107 -16.81 -14.29 13.66
N MET A 108 -17.94 -14.99 13.80
CA MET A 108 -18.17 -16.12 12.90
C MET A 108 -18.97 -15.74 11.63
N HIS A 109 -18.70 -14.55 11.07
CA HIS A 109 -19.31 -14.12 9.79
C HIS A 109 -18.63 -14.85 8.64
N PRO A 110 -19.24 -14.89 7.44
CA PRO A 110 -18.68 -15.65 6.32
C PRO A 110 -17.28 -15.26 5.86
N ASP A 111 -17.00 -13.96 5.84
CA ASP A 111 -15.75 -13.41 5.32
C ASP A 111 -14.62 -13.57 6.36
N HIS A 112 -14.88 -14.27 7.47
CA HIS A 112 -13.88 -14.44 8.53
C HIS A 112 -13.71 -15.91 8.89
N LEU A 113 -14.84 -16.62 8.90
CA LEU A 113 -14.86 -18.00 9.35
C LEU A 113 -14.90 -18.98 8.19
N PHE A 114 -15.65 -18.68 7.09
CA PHE A 114 -15.95 -19.78 6.18
C PHE A 114 -14.69 -20.20 5.44
N GLY A 115 -13.66 -19.35 5.44
CA GLY A 115 -12.40 -19.75 4.84
C GLY A 115 -11.74 -20.94 5.53
N VAL A 116 -12.26 -21.40 6.69
CA VAL A 116 -11.65 -22.59 7.31
C VAL A 116 -12.08 -23.92 6.67
N VAL A 117 -13.15 -23.92 5.86
CA VAL A 117 -13.59 -25.14 5.16
C VAL A 117 -13.63 -24.89 3.65
N ASP A 118 -13.38 -25.94 2.86
CA ASP A 118 -13.42 -25.82 1.40
C ASP A 118 -14.87 -26.03 0.95
N GLY A 119 -15.09 -26.03 -0.38
CA GLY A 119 -16.42 -26.25 -0.95
C GLY A 119 -17.10 -27.56 -0.52
N GLU A 120 -16.33 -28.59 -0.12
CA GLU A 120 -16.89 -29.88 0.30
C GLU A 120 -17.14 -29.92 1.80
N GLY A 121 -16.78 -28.84 2.52
CA GLY A 121 -16.93 -28.77 3.96
C GLY A 121 -15.86 -29.54 4.74
N LYS A 122 -14.68 -29.75 4.14
CA LYS A 122 -13.57 -30.30 4.90
C LYS A 122 -12.53 -29.21 5.21
N ARG A 123 -11.78 -29.44 6.30
CA ARG A 123 -10.81 -28.49 6.87
C ARG A 123 -9.83 -28.04 5.79
N VAL A 124 -9.70 -26.72 5.66
CA VAL A 124 -8.66 -26.13 4.83
C VAL A 124 -7.31 -26.24 5.56
N PHE A 125 -7.33 -26.21 6.91
CA PHE A 125 -6.13 -26.19 7.74
C PHE A 125 -6.14 -27.46 8.60
N ALA A 126 -5.47 -28.52 8.09
CA ALA A 126 -5.70 -29.84 8.62
C ALA A 126 -5.09 -29.95 10.02
N ASN A 127 -4.12 -29.10 10.34
CA ASN A 127 -3.40 -29.23 11.61
C ASN A 127 -3.76 -28.14 12.63
N ALA A 128 -4.79 -27.33 12.34
CA ALA A 128 -5.03 -26.15 13.17
C ALA A 128 -6.11 -26.40 14.21
N GLU A 129 -5.91 -25.81 15.39
CA GLU A 129 -6.95 -25.62 16.37
C GLU A 129 -7.79 -24.40 15.98
N LEU A 130 -9.11 -24.57 15.95
CA LEU A 130 -10.07 -23.50 15.72
C LEU A 130 -10.40 -22.84 17.06
N ILE A 131 -10.05 -21.57 17.21
CA ILE A 131 -10.33 -20.86 18.46
C ILE A 131 -11.46 -19.87 18.23
N LEU A 132 -12.59 -20.09 18.92
CA LEU A 132 -13.79 -19.28 18.70
C LEU A 132 -14.11 -18.47 19.94
N PRO A 133 -14.59 -17.21 19.84
CA PRO A 133 -15.14 -16.54 21.01
C PRO A 133 -16.40 -17.29 21.47
N GLU A 134 -16.42 -17.64 22.76
CA GLU A 134 -17.53 -18.39 23.36
C GLU A 134 -18.85 -17.65 23.20
N VAL A 135 -18.85 -16.32 23.44
CA VAL A 135 -20.04 -15.51 23.29
C VAL A 135 -20.57 -15.53 21.83
N ASP A 136 -19.68 -15.55 20.82
CA ASP A 136 -20.17 -15.52 19.44
C ASP A 136 -20.67 -16.92 19.11
N ASN A 137 -19.93 -17.96 19.54
CA ASN A 137 -20.34 -19.33 19.31
C ASN A 137 -21.80 -19.51 19.78
N ALA A 138 -22.08 -19.02 21.00
CA ALA A 138 -23.41 -19.08 21.63
C ALA A 138 -24.47 -18.46 20.73
N PHE A 139 -24.17 -17.30 20.12
CA PHE A 139 -25.11 -16.58 19.27
C PHE A 139 -25.41 -17.36 17.97
N TRP A 140 -24.36 -17.82 17.26
CA TRP A 140 -24.57 -18.49 15.97
C TRP A 140 -25.24 -19.87 16.14
N TYR A 141 -25.12 -20.47 17.34
CA TYR A 141 -25.77 -21.73 17.71
C TYR A 141 -27.15 -21.50 18.34
N ASP A 142 -27.59 -20.24 18.45
CA ASP A 142 -28.89 -19.95 19.02
C ASP A 142 -30.01 -20.12 17.96
N ASP A 143 -30.86 -21.15 18.13
CA ASP A 143 -31.94 -21.47 17.20
C ASP A 143 -32.98 -20.35 17.08
N ALA A 144 -33.27 -19.65 18.19
CA ALA A 144 -34.15 -18.50 18.26
C ALA A 144 -33.61 -17.34 17.41
N ALA A 145 -32.30 -17.01 17.54
CA ALA A 145 -31.68 -15.99 16.69
C ALA A 145 -31.77 -16.40 15.22
N MET A 146 -31.45 -17.67 14.92
CA MET A 146 -31.46 -18.09 13.53
C MET A 146 -32.87 -18.01 12.93
N ASN A 147 -33.89 -18.38 13.73
CA ASN A 147 -35.28 -18.46 13.29
C ASN A 147 -35.93 -17.08 13.15
N GLY A 148 -35.47 -16.09 13.91
CA GLY A 148 -36.00 -14.75 13.82
C GLY A 148 -35.23 -13.85 12.86
N ALA A 149 -34.27 -14.44 12.12
CA ALA A 149 -33.45 -13.74 11.14
C ALA A 149 -34.16 -13.72 9.79
N PRO A 150 -33.95 -12.66 8.98
CA PRO A 150 -34.45 -12.61 7.60
C PRO A 150 -33.98 -13.86 6.87
N GLU A 151 -34.75 -14.29 5.85
CA GLU A 151 -34.59 -15.56 5.18
C GLU A 151 -33.22 -15.67 4.50
N GLN A 152 -32.78 -14.54 3.93
CA GLN A 152 -31.55 -14.41 3.16
C GLN A 152 -30.32 -14.54 4.05
N PHE A 153 -30.52 -14.51 5.37
CA PHE A 153 -29.43 -14.42 6.35
C PHE A 153 -29.32 -15.71 7.15
N LYS A 154 -30.38 -16.53 7.15
CA LYS A 154 -30.38 -17.82 7.85
C LYS A 154 -29.23 -18.72 7.38
N PRO A 155 -28.81 -18.72 6.10
CA PRO A 155 -27.65 -19.52 5.70
C PRO A 155 -26.32 -19.10 6.33
N PHE A 156 -26.20 -17.85 6.81
CA PHE A 156 -25.04 -17.43 7.61
C PHE A 156 -24.95 -18.25 8.91
N PHE A 157 -26.09 -18.43 9.63
CA PHE A 157 -26.16 -19.31 10.79
C PHE A 157 -25.75 -20.74 10.45
N LEU A 158 -26.33 -21.31 9.39
CA LEU A 158 -26.10 -22.72 9.09
C LEU A 158 -24.67 -22.93 8.61
N GLY A 159 -24.16 -21.98 7.79
CA GLY A 159 -22.80 -22.08 7.30
C GLY A 159 -21.76 -21.88 8.42
N ALA A 160 -22.06 -21.04 9.43
CA ALA A 160 -21.16 -20.86 10.59
C ALA A 160 -21.00 -22.19 11.30
N ARG A 161 -22.15 -22.87 11.55
CA ARG A 161 -22.19 -24.12 12.29
C ARG A 161 -21.41 -25.21 11.54
N LYS A 162 -21.59 -25.27 10.22
CA LYS A 162 -20.91 -26.31 9.46
C LYS A 162 -19.40 -26.04 9.49
N ALA A 163 -19.00 -24.78 9.35
CA ALA A 163 -17.55 -24.47 9.34
C ALA A 163 -16.89 -24.86 10.68
N ALA A 164 -17.52 -24.50 11.79
CA ALA A 164 -17.05 -24.86 13.13
C ALA A 164 -16.98 -26.38 13.31
N GLU A 165 -18.01 -27.11 12.85
CA GLU A 165 -18.15 -28.56 13.08
C GLU A 165 -17.10 -29.36 12.32
N ALA A 166 -16.58 -28.80 11.21
CA ALA A 166 -15.43 -29.39 10.54
C ALA A 166 -14.22 -29.53 11.47
N TYR A 167 -14.15 -28.68 12.51
CA TYR A 167 -13.04 -28.67 13.45
C TYR A 167 -13.44 -29.32 14.78
N LYS A 168 -14.54 -30.09 14.80
CA LYS A 168 -15.01 -30.73 16.04
C LYS A 168 -13.86 -31.54 16.65
N GLY A 169 -13.67 -31.42 17.96
CA GLY A 169 -12.54 -32.11 18.60
C GLY A 169 -11.23 -31.31 18.53
N ASN A 170 -11.18 -30.28 17.69
CA ASN A 170 -10.02 -29.40 17.62
C ASN A 170 -10.49 -27.94 17.68
N GLN A 171 -11.44 -27.65 18.60
CA GLN A 171 -11.98 -26.33 18.84
C GLN A 171 -11.72 -25.91 20.28
N THR A 172 -11.42 -24.63 20.49
CA THR A 172 -11.28 -24.11 21.86
C THR A 172 -12.14 -22.87 21.98
N LEU A 173 -13.02 -22.80 22.97
CA LEU A 173 -13.82 -21.59 23.10
C LEU A 173 -13.16 -20.68 24.13
N ILE A 174 -13.12 -19.38 23.85
CA ILE A 174 -12.40 -18.45 24.70
C ILE A 174 -13.36 -17.35 25.18
N SER A 175 -12.97 -16.72 26.27
CA SER A 175 -13.72 -15.62 26.88
C SER A 175 -13.13 -14.29 26.40
N GLY A 176 -13.82 -13.17 26.69
CA GLY A 176 -13.49 -11.88 26.08
C GLY A 176 -12.41 -11.03 26.78
N ASP A 177 -11.63 -11.62 27.70
CA ASP A 177 -10.51 -10.92 28.30
C ASP A 177 -9.54 -11.95 28.85
N GLN A 178 -8.99 -12.78 27.98
CA GLN A 178 -8.15 -13.84 28.53
C GLN A 178 -6.87 -13.89 27.71
N GLU A 179 -5.85 -14.54 28.27
CA GLU A 179 -4.64 -14.82 27.54
C GLU A 179 -4.90 -16.06 26.71
N VAL A 180 -4.58 -15.96 25.41
CA VAL A 180 -4.83 -17.04 24.46
C VAL A 180 -3.54 -17.84 24.31
N LEU A 181 -2.42 -17.14 24.07
CA LEU A 181 -1.07 -17.69 23.96
C LEU A 181 -0.19 -16.66 24.62
N PRO A 182 1.08 -16.94 24.98
CA PRO A 182 1.91 -15.88 25.56
C PRO A 182 2.00 -14.64 24.66
N GLY A 183 1.69 -13.46 25.22
CA GLY A 183 1.73 -12.22 24.46
C GLY A 183 0.49 -11.99 23.57
N ILE A 184 -0.56 -12.82 23.68
CA ILE A 184 -1.77 -12.66 22.84
C ILE A 184 -2.98 -12.73 23.76
N ARG A 185 -3.73 -11.62 23.83
CA ARG A 185 -4.91 -11.56 24.69
C ARG A 185 -6.15 -11.30 23.82
N SER A 186 -7.29 -11.90 24.19
CA SER A 186 -8.59 -11.55 23.61
C SER A 186 -9.11 -10.26 24.21
N MET A 187 -9.91 -9.53 23.44
CA MET A 187 -10.55 -8.32 23.92
C MET A 187 -11.92 -8.20 23.25
N ALA A 188 -12.98 -8.26 24.06
CA ALA A 188 -14.36 -8.19 23.58
C ALA A 188 -14.55 -6.85 22.87
N LEU A 189 -15.11 -6.86 21.66
CA LEU A 189 -15.46 -5.60 21.01
C LEU A 189 -16.91 -5.77 20.53
N PRO A 190 -17.89 -5.74 21.46
CA PRO A 190 -19.28 -6.14 21.15
C PRO A 190 -20.01 -5.15 20.24
N GLY A 191 -21.00 -5.65 19.50
CA GLY A 191 -21.85 -4.74 18.74
C GLY A 191 -22.10 -5.30 17.34
N HIS A 192 -20.98 -5.42 16.58
CA HIS A 192 -21.08 -5.92 15.22
C HIS A 192 -21.69 -7.32 15.20
N THR A 193 -21.21 -8.17 16.12
CA THR A 193 -21.87 -9.41 16.52
C THR A 193 -21.82 -9.41 18.05
N PRO A 194 -22.62 -10.23 18.77
CA PRO A 194 -22.57 -10.22 20.23
C PRO A 194 -21.19 -10.58 20.81
N GLY A 195 -20.53 -11.62 20.27
CA GLY A 195 -19.22 -12.04 20.74
C GLY A 195 -18.06 -11.59 19.83
N HIS A 196 -18.22 -10.49 19.08
CA HIS A 196 -17.15 -9.99 18.24
C HIS A 196 -15.97 -9.61 19.14
N THR A 197 -14.76 -10.06 18.73
CA THR A 197 -13.58 -10.04 19.59
C THR A 197 -12.36 -9.58 18.77
N GLY A 198 -11.55 -8.67 19.33
CA GLY A 198 -10.23 -8.37 18.80
C GLY A 198 -9.13 -9.13 19.55
N TYR A 199 -7.91 -9.13 19.00
CA TYR A 199 -6.79 -9.83 19.62
C TYR A 199 -5.63 -8.84 19.78
N LEU A 200 -5.02 -8.84 20.97
CA LEU A 200 -3.98 -7.87 21.31
C LEU A 200 -2.67 -8.62 21.35
N PHE A 201 -1.72 -8.15 20.55
CA PHE A 201 -0.39 -8.75 20.44
C PHE A 201 0.60 -7.82 21.15
N ASP A 202 1.40 -8.40 22.06
CA ASP A 202 2.34 -7.63 22.86
C ASP A 202 3.65 -8.41 22.84
N SER A 203 4.72 -7.82 22.25
CA SER A 203 6.03 -8.46 22.18
C SER A 203 7.13 -7.42 22.32
N ASN A 204 7.86 -7.45 23.44
CA ASN A 204 9.09 -6.69 23.63
C ASN A 204 8.79 -5.21 23.59
N GLY A 205 7.75 -4.78 24.31
CA GLY A 205 7.28 -3.40 24.28
C GLY A 205 6.85 -2.89 22.90
N GLU A 206 6.28 -3.77 22.06
CA GLU A 206 5.57 -3.35 20.85
C GLU A 206 4.22 -4.08 20.83
N THR A 207 3.16 -3.35 20.45
CA THR A 207 1.80 -3.88 20.45
C THR A 207 1.14 -3.70 19.07
N LEU A 208 0.21 -4.61 18.79
CA LEU A 208 -0.65 -4.53 17.61
C LEU A 208 -2.01 -5.06 18.07
N ALA A 209 -3.06 -4.26 17.81
CA ALA A 209 -4.41 -4.75 18.08
C ALA A 209 -5.01 -5.17 16.74
N ILE A 210 -5.34 -6.45 16.56
CA ILE A 210 -6.09 -6.88 15.37
C ILE A 210 -7.57 -6.89 15.74
N ALA A 211 -8.29 -5.89 15.20
CA ALA A 211 -9.58 -5.46 15.74
C ALA A 211 -10.76 -5.90 14.86
N GLY A 212 -10.56 -6.85 13.93
CA GLY A 212 -11.66 -7.44 13.17
C GLY A 212 -12.51 -6.40 12.44
N ASP A 213 -13.83 -6.41 12.70
CA ASP A 213 -14.79 -5.58 11.98
C ASP A 213 -15.21 -4.36 12.80
N ILE A 214 -14.24 -3.75 13.51
CA ILE A 214 -14.37 -2.48 14.24
C ILE A 214 -14.82 -1.39 13.26
N ILE A 215 -14.44 -1.53 11.97
CA ILE A 215 -14.81 -0.58 10.94
C ILE A 215 -15.04 -1.33 9.61
N HIS A 216 -15.92 -0.79 8.74
CA HIS A 216 -16.23 -1.43 7.46
C HIS A 216 -15.88 -0.55 6.28
N MET A 217 -16.13 0.76 6.40
CA MET A 217 -16.06 1.65 5.24
C MET A 217 -15.25 2.85 5.67
N THR A 218 -13.95 2.80 5.39
CA THR A 218 -13.02 3.78 5.93
C THR A 218 -13.23 5.11 5.22
N ALA A 219 -13.92 5.12 4.06
CA ALA A 219 -14.16 6.38 3.38
C ALA A 219 -15.18 7.22 4.15
N TYR A 220 -15.95 6.54 5.02
CA TYR A 220 -16.98 7.21 5.82
C TYR A 220 -16.74 7.14 7.33
N GLN A 221 -16.41 5.96 7.87
CA GLN A 221 -16.59 5.73 9.30
C GLN A 221 -15.46 6.25 10.18
N PHE A 222 -14.35 6.76 9.60
CA PHE A 222 -13.38 7.48 10.43
C PHE A 222 -13.90 8.90 10.65
N ASP A 223 -14.36 9.54 9.56
CA ASP A 223 -14.99 10.85 9.65
C ASP A 223 -16.29 10.81 10.44
N ARG A 224 -17.08 9.76 10.23
CA ARG A 224 -18.43 9.61 10.78
C ARG A 224 -18.55 8.27 11.49
N PRO A 225 -17.87 8.10 12.66
CA PRO A 225 -17.85 6.82 13.37
C PRO A 225 -19.21 6.40 13.92
N ASP A 226 -20.18 7.34 13.91
CA ASP A 226 -21.57 7.15 14.30
C ASP A 226 -22.37 6.47 13.18
N TRP A 227 -21.83 6.43 11.96
CA TRP A 227 -22.48 5.62 10.92
C TRP A 227 -22.14 4.13 11.11
N GLY A 228 -23.16 3.27 10.94
CA GLY A 228 -22.98 1.83 11.01
C GLY A 228 -23.24 1.15 9.66
N ILE A 229 -23.35 -0.17 9.68
CA ILE A 229 -23.57 -0.93 8.46
C ILE A 229 -24.65 -1.92 8.84
N GLY A 230 -25.45 -2.34 7.85
CA GLY A 230 -26.63 -3.14 8.12
C GLY A 230 -26.30 -4.51 8.71
N PHE A 231 -25.05 -4.96 8.51
CA PHE A 231 -24.58 -6.27 8.98
C PHE A 231 -24.19 -6.26 10.47
N ASP A 232 -24.08 -5.06 11.06
CA ASP A 232 -23.95 -4.89 12.51
C ASP A 232 -25.20 -5.45 13.16
N ILE A 233 -25.05 -6.44 14.04
CA ILE A 233 -26.23 -7.04 14.66
C ILE A 233 -26.88 -6.07 15.64
N ASP A 234 -26.08 -5.24 16.30
CA ASP A 234 -26.57 -4.11 17.08
C ASP A 234 -25.69 -2.92 16.71
N SER A 235 -26.18 -2.11 15.77
CA SER A 235 -25.43 -0.97 15.25
C SER A 235 -25.15 0.10 16.31
N PRO A 236 -26.11 0.52 17.18
CA PRO A 236 -25.76 1.41 18.31
C PRO A 236 -24.59 0.99 19.24
N LYS A 237 -24.55 -0.29 19.62
CA LYS A 237 -23.47 -0.89 20.40
C LYS A 237 -22.17 -0.96 19.57
N ALA A 238 -22.23 -1.34 18.27
CA ALA A 238 -21.05 -1.30 17.38
C ALA A 238 -20.42 0.11 17.35
N VAL A 239 -21.26 1.16 17.28
CA VAL A 239 -20.81 2.56 17.23
C VAL A 239 -20.07 2.92 18.51
N GLU A 240 -20.68 2.57 19.65
CA GLU A 240 -20.11 2.80 20.97
C GLU A 240 -18.74 2.11 21.10
N THR A 241 -18.66 0.82 20.72
CA THR A 241 -17.40 0.06 20.76
C THR A 241 -16.33 0.70 19.87
N ARG A 242 -16.74 1.11 18.64
CA ARG A 242 -15.84 1.71 17.67
C ARG A 242 -15.30 3.03 18.23
N LYS A 243 -16.19 3.87 18.76
CA LYS A 243 -15.74 5.15 19.31
C LYS A 243 -14.78 4.96 20.50
N ALA A 244 -15.08 4.01 21.39
CA ALA A 244 -14.23 3.76 22.54
C ALA A 244 -12.86 3.24 22.08
N PHE A 245 -12.88 2.35 21.08
CA PHE A 245 -11.65 1.76 20.56
C PHE A 245 -10.75 2.83 19.94
N LEU A 246 -11.33 3.70 19.09
CA LEU A 246 -10.57 4.65 18.30
C LEU A 246 -10.07 5.78 19.19
N ASP A 247 -10.87 6.12 20.20
CA ASP A 247 -10.52 7.09 21.22
C ASP A 247 -9.24 6.68 21.97
N GLN A 248 -9.19 5.44 22.45
CA GLN A 248 -8.02 4.87 23.10
C GLN A 248 -6.85 4.71 22.13
N ALA A 249 -7.14 4.26 20.90
CA ALA A 249 -6.08 4.04 19.90
C ALA A 249 -5.37 5.35 19.57
N ALA A 250 -6.16 6.44 19.50
CA ALA A 250 -5.67 7.76 19.19
C ALA A 250 -4.80 8.32 20.34
N GLY A 251 -5.24 8.15 21.58
CA GLY A 251 -4.56 8.70 22.76
C GLY A 251 -3.26 7.96 23.08
N ASP A 252 -3.17 6.68 22.71
CA ASP A 252 -1.96 5.88 22.91
C ASP A 252 -1.17 5.68 21.61
N LYS A 253 -1.63 6.24 20.48
CA LYS A 253 -1.06 5.96 19.16
C LYS A 253 -0.83 4.47 18.94
N LEU A 254 -1.86 3.65 19.24
CA LEU A 254 -1.79 2.21 19.04
C LEU A 254 -1.85 1.91 17.54
N PHE A 255 -0.94 1.02 17.12
CA PHE A 255 -0.96 0.38 15.82
C PHE A 255 -2.10 -0.66 15.85
N PHE A 256 -2.99 -0.65 14.83
CA PHE A 256 -4.06 -1.63 14.82
C PHE A 256 -4.30 -2.10 13.39
N ALA A 257 -5.00 -3.24 13.26
CA ALA A 257 -5.35 -3.75 11.94
C ALA A 257 -6.85 -3.99 11.93
N GLY A 258 -7.48 -3.77 10.76
CA GLY A 258 -8.90 -4.06 10.58
C GLY A 258 -9.10 -4.91 9.32
N ALA A 259 -9.97 -5.91 9.42
CA ALA A 259 -10.30 -6.82 8.32
C ALA A 259 -10.81 -6.09 7.07
N HIS A 260 -11.38 -4.88 7.21
CA HIS A 260 -11.96 -4.16 6.07
C HIS A 260 -11.30 -2.81 5.80
N ILE A 261 -10.18 -2.52 6.46
CA ILE A 261 -9.40 -1.30 6.22
C ILE A 261 -8.55 -1.55 4.95
N PRO A 262 -8.47 -0.58 4.00
CA PRO A 262 -7.72 -0.78 2.77
C PRO A 262 -6.42 -1.55 3.01
N PHE A 263 -6.20 -2.60 2.21
CA PHE A 263 -5.11 -3.53 2.41
C PHE A 263 -3.77 -2.80 2.36
N PRO A 264 -2.80 -3.05 3.26
CA PRO A 264 -2.85 -4.15 4.25
C PRO A 264 -3.66 -4.00 5.54
N GLY A 265 -4.35 -2.85 5.71
CA GLY A 265 -5.35 -2.71 6.76
C GLY A 265 -4.75 -2.30 8.12
N MET A 266 -3.50 -1.80 8.13
CA MET A 266 -2.75 -1.55 9.35
C MET A 266 -2.40 -0.06 9.43
N GLY A 267 -2.52 0.50 10.63
CA GLY A 267 -2.17 1.88 10.80
C GLY A 267 -2.56 2.41 12.18
N ARG A 268 -2.71 3.73 12.25
N ARG A 268 -2.69 3.74 12.26
CA ARG A 268 -2.99 4.45 13.49
CA ARG A 268 -2.94 4.47 13.49
C ARG A 268 -4.06 5.49 13.17
C ARG A 268 -4.04 5.50 13.17
N VAL A 269 -4.65 6.07 14.21
CA VAL A 269 -5.61 7.17 14.03
C VAL A 269 -5.15 8.40 14.83
N VAL A 270 -5.47 9.60 14.30
CA VAL A 270 -5.43 10.81 15.10
C VAL A 270 -6.86 11.33 15.20
N LYS A 271 -7.24 11.82 16.39
CA LYS A 271 -8.55 12.37 16.63
C LYS A 271 -8.63 13.74 15.97
N GLU A 272 -9.72 14.01 15.23
CA GLU A 272 -9.97 15.33 14.66
C GLU A 272 -11.45 15.66 14.81
N GLY A 273 -11.77 16.70 15.61
CA GLY A 273 -13.12 16.92 16.11
C GLY A 273 -13.62 15.69 16.87
N ASP A 274 -14.84 15.26 16.55
CA ASP A 274 -15.43 14.07 17.15
C ASP A 274 -15.35 12.89 16.14
N GLY A 275 -14.62 13.09 15.01
CA GLY A 275 -14.14 12.06 14.11
C GLY A 275 -12.63 11.80 14.20
N TYR A 276 -12.10 11.04 13.23
CA TYR A 276 -10.74 10.54 13.24
C TYR A 276 -10.16 10.63 11.82
N ARG A 277 -8.82 10.68 11.76
CA ARG A 277 -8.12 10.54 10.50
C ARG A 277 -7.18 9.35 10.62
N PHE A 278 -7.23 8.46 9.61
CA PHE A 278 -6.41 7.25 9.57
C PHE A 278 -5.07 7.60 8.94
N VAL A 279 -3.99 7.11 9.56
CA VAL A 279 -2.64 7.21 9.03
C VAL A 279 -2.19 5.77 8.77
N ALA A 280 -2.14 5.36 7.48
CA ALA A 280 -1.78 3.99 7.08
C ALA A 280 -0.33 3.69 7.45
N ALA A 281 0.00 2.47 7.87
CA ALA A 281 1.40 2.09 8.04
C ALA A 281 2.20 2.41 6.78
N ASN A 282 3.48 2.79 6.91
CA ASN A 282 4.43 2.79 5.79
C ASN A 282 4.51 1.36 5.21
N TRP A 283 4.88 1.25 3.94
CA TRP A 283 5.33 -0.01 3.36
C TRP A 283 6.48 -0.60 4.20
N PRO A 284 6.60 -1.93 4.44
CA PRO A 284 7.73 -2.44 5.25
C PRO A 284 9.01 -2.51 4.41
N TYR A 285 9.65 -1.35 4.17
CA TYR A 285 10.83 -1.27 3.28
C TYR A 285 12.00 -2.06 3.83
N ALA A 286 12.31 -1.83 5.12
CA ALA A 286 13.57 -2.29 5.71
C ALA A 286 13.48 -3.78 5.99
N TYR A 287 12.41 -4.16 6.68
CA TYR A 287 12.23 -5.52 7.15
C TYR A 287 12.34 -6.52 6.00
N THR A 288 11.71 -6.19 4.87
CA THR A 288 11.65 -7.10 3.73
C THR A 288 12.79 -6.82 2.73
N GLY A 289 13.63 -5.81 3.02
CA GLY A 289 14.63 -5.36 2.07
C GLY A 289 16.08 -5.36 2.59
N LEU A 290 16.25 -5.50 3.91
CA LEU A 290 17.56 -5.67 4.54
C LEU A 290 17.55 -6.97 5.36
N GLU A 291 18.22 -8.01 4.80
CA GLU A 291 17.93 -9.43 4.98
C GLU A 291 19.20 -10.24 5.33
N VAL A 292 19.44 -10.40 6.63
CA VAL A 292 20.65 -10.98 7.21
C VAL A 292 21.79 -9.96 7.15
N GLY B 5 8.22 -6.29 -3.36
CA GLY B 5 8.20 -4.92 -3.91
C GLY B 5 7.84 -4.85 -5.39
N ALA B 6 6.71 -5.47 -5.77
CA ALA B 6 6.14 -5.47 -7.12
C ALA B 6 4.61 -5.42 -6.98
N LEU B 7 3.92 -4.41 -7.54
CA LEU B 7 2.45 -4.32 -7.55
C LEU B 7 1.93 -3.94 -8.94
N ARG B 8 0.91 -4.64 -9.45
CA ARG B 8 0.51 -4.50 -10.85
C ARG B 8 -0.86 -3.84 -11.03
N TYR B 9 -0.93 -2.81 -11.87
CA TYR B 9 -2.13 -2.07 -12.16
C TYR B 9 -2.41 -2.10 -13.67
N LYS B 10 -3.64 -1.81 -14.06
CA LYS B 10 -4.03 -1.73 -15.46
C LYS B 10 -4.27 -0.27 -15.83
N VAL B 11 -3.71 0.19 -16.94
CA VAL B 11 -4.01 1.52 -17.47
C VAL B 11 -4.48 1.30 -18.91
N GLY B 12 -5.79 1.30 -19.13
CA GLY B 12 -6.32 0.86 -20.41
C GLY B 12 -5.82 -0.55 -20.72
N ASP B 13 -5.20 -0.74 -21.90
CA ASP B 13 -4.57 -2.02 -22.22
C ASP B 13 -3.15 -2.20 -21.64
N PHE B 14 -2.59 -1.19 -20.97
CA PHE B 14 -1.22 -1.37 -20.47
C PHE B 14 -1.24 -2.02 -19.09
N GLU B 15 -0.23 -2.84 -18.79
CA GLU B 15 -0.05 -3.22 -17.40
C GLU B 15 1.13 -2.45 -16.85
N VAL B 16 0.97 -1.82 -15.68
CA VAL B 16 2.01 -1.03 -15.05
C VAL B 16 2.34 -1.73 -13.74
N THR B 17 3.59 -2.20 -13.58
CA THR B 17 4.04 -2.81 -12.34
C THR B 17 4.94 -1.82 -11.62
N ALA B 18 4.53 -1.39 -10.41
CA ALA B 18 5.37 -0.61 -9.52
C ALA B 18 6.47 -1.53 -8.99
N LEU B 19 7.72 -1.06 -8.99
CA LEU B 19 8.85 -1.86 -8.52
C LEU B 19 9.61 -1.06 -7.48
N LEU B 20 9.97 -1.73 -6.37
CA LEU B 20 10.69 -1.09 -5.28
C LEU B 20 12.19 -1.36 -5.41
N ASP B 21 12.97 -0.31 -5.64
CA ASP B 21 14.39 -0.56 -5.77
C ASP B 21 15.03 -0.51 -4.38
N GLY B 22 14.36 0.18 -3.43
CA GLY B 22 14.84 0.21 -2.05
C GLY B 22 14.41 1.49 -1.36
N TYR B 23 15.23 2.04 -0.44
CA TYR B 23 14.84 3.20 0.35
C TYR B 23 16.10 3.91 0.85
N LEU B 24 15.94 5.18 1.23
CA LEU B 24 16.98 5.96 1.89
C LEU B 24 16.29 6.83 2.94
N ASP B 25 17.02 7.21 3.98
CA ASP B 25 16.49 8.03 5.06
C ASP B 25 17.05 9.43 4.88
N VAL B 26 16.22 10.47 5.01
CA VAL B 26 16.73 11.84 4.89
C VAL B 26 16.23 12.59 6.11
N THR B 27 17.05 13.53 6.60
CA THR B 27 16.76 14.32 7.79
C THR B 27 16.59 15.77 7.31
N PRO B 28 16.17 16.75 8.15
CA PRO B 28 15.92 18.12 7.69
C PRO B 28 17.07 18.92 7.09
N GLU B 29 18.31 18.46 7.21
CA GLU B 29 19.40 19.30 6.75
C GLU B 29 19.51 19.26 5.23
N VAL B 30 18.79 18.34 4.55
CA VAL B 30 18.78 18.41 3.08
C VAL B 30 17.61 19.26 2.57
N VAL B 31 16.74 19.79 3.45
CA VAL B 31 15.50 20.44 3.01
C VAL B 31 15.82 21.92 2.78
N VAL B 32 15.43 22.48 1.61
CA VAL B 32 15.58 23.90 1.27
C VAL B 32 14.32 24.64 1.74
N GLY B 33 14.42 25.62 2.66
CA GLY B 33 13.24 26.38 3.09
C GLY B 33 12.64 25.84 4.39
N TYR B 34 13.36 24.86 4.98
CA TYR B 34 12.88 24.16 6.16
C TYR B 34 12.70 25.13 7.33
N ASP B 35 11.64 24.94 8.13
CA ASP B 35 11.58 25.53 9.45
C ASP B 35 11.11 24.46 10.45
N GLU B 36 11.64 24.51 11.68
CA GLU B 36 11.50 23.41 12.60
C GLU B 36 10.11 23.33 13.22
N ALA B 37 9.51 24.48 13.53
CA ALA B 37 8.16 24.47 14.05
C ALA B 37 7.22 23.81 13.03
N GLU B 38 7.50 24.07 11.77
CA GLU B 38 6.57 23.66 10.71
C GLU B 38 6.83 22.20 10.35
N GLY B 39 8.12 21.84 10.32
CA GLY B 39 8.61 20.47 10.18
C GLY B 39 8.03 19.56 11.24
N GLN B 40 8.12 19.95 12.52
CA GLN B 40 7.48 19.20 13.61
C GLN B 40 5.96 19.08 13.46
N ARG B 41 5.25 20.18 13.10
CA ARG B 41 3.81 20.09 12.89
C ARG B 41 3.46 19.07 11.78
N LEU B 42 4.22 19.10 10.68
CA LEU B 42 4.01 18.18 9.57
C LEU B 42 4.32 16.73 9.97
N ARG B 43 5.37 16.48 10.77
CA ARG B 43 5.72 15.13 11.16
C ARG B 43 4.63 14.64 12.11
N ASP B 44 4.14 15.53 13.00
CA ASP B 44 3.11 15.12 13.95
C ASP B 44 1.82 14.72 13.22
N LYS B 45 1.51 15.40 12.11
CA LYS B 45 0.35 15.10 11.29
C LYS B 45 0.44 13.66 10.74
N SER B 46 1.65 13.17 10.43
CA SER B 46 1.82 11.81 9.90
C SER B 46 2.30 10.84 11.00
N LEU B 47 2.29 11.27 12.27
CA LEU B 47 2.66 10.46 13.41
C LEU B 47 4.11 9.97 13.27
N ILE B 48 4.96 10.86 12.76
CA ILE B 48 6.37 10.51 12.56
C ILE B 48 7.14 11.00 13.80
N GLU B 49 7.84 10.06 14.46
CA GLU B 49 8.75 10.32 15.58
C GLU B 49 10.19 10.57 15.10
N GLY B 50 10.91 11.50 15.74
CA GLY B 50 12.25 11.87 15.25
C GLY B 50 12.15 12.68 13.96
N ASN B 51 13.27 12.94 13.28
CA ASN B 51 13.16 13.85 12.14
C ASN B 51 13.65 13.20 10.84
N ALA B 52 13.84 11.87 10.86
CA ALA B 52 14.26 11.15 9.68
C ALA B 52 13.00 10.73 8.91
N LEU B 53 13.00 10.89 7.59
CA LEU B 53 11.91 10.36 6.75
C LEU B 53 12.49 9.22 5.93
N ARG B 54 11.74 8.12 5.84
CA ARG B 54 12.21 7.03 4.99
C ARG B 54 11.50 7.14 3.64
N ILE B 55 12.29 7.26 2.57
CA ILE B 55 11.85 7.61 1.22
C ILE B 55 12.07 6.37 0.36
N PRO B 56 11.09 5.87 -0.45
CA PRO B 56 11.36 4.75 -1.35
C PRO B 56 12.08 5.28 -2.60
N VAL B 57 12.69 4.33 -3.32
CA VAL B 57 13.17 4.49 -4.69
C VAL B 57 12.35 3.54 -5.58
N ASN B 58 11.49 4.11 -6.44
CA ASN B 58 10.54 3.34 -7.24
C ASN B 58 10.93 3.42 -8.73
N ALA B 59 10.65 2.34 -9.46
CA ALA B 59 10.65 2.38 -10.91
C ALA B 59 9.41 1.64 -11.37
N TYR B 60 9.07 1.76 -12.66
CA TYR B 60 7.78 1.27 -13.18
C TYR B 60 8.02 0.53 -14.48
N LEU B 61 7.55 -0.74 -14.51
CA LEU B 61 7.61 -1.52 -15.72
C LEU B 61 6.27 -1.35 -16.41
N VAL B 62 6.27 -1.02 -17.71
CA VAL B 62 5.03 -0.88 -18.47
C VAL B 62 5.04 -1.87 -19.63
N ASN B 63 4.08 -2.80 -19.62
CA ASN B 63 3.86 -3.72 -20.72
C ASN B 63 2.80 -3.09 -21.61
N THR B 64 3.25 -2.50 -22.74
CA THR B 64 2.35 -1.79 -23.64
C THR B 64 1.58 -2.75 -24.56
N GLY B 65 1.80 -4.07 -24.39
CA GLY B 65 1.19 -5.14 -25.17
C GLY B 65 2.14 -5.66 -26.26
N ASP B 66 3.03 -4.79 -26.74
N ASP B 66 2.88 -4.69 -26.82
CA ASP B 66 3.94 -5.12 -27.82
CA ASP B 66 3.84 -4.86 -27.90
C ASP B 66 5.37 -4.73 -27.43
C ASP B 66 5.27 -4.79 -27.35
N ARG B 67 5.53 -3.84 -26.44
CA ARG B 67 6.84 -3.66 -25.81
C ARG B 67 6.77 -3.77 -24.29
N LEU B 68 7.90 -4.13 -23.65
CA LEU B 68 8.09 -4.02 -22.21
C LEU B 68 9.10 -2.90 -21.94
N VAL B 69 8.68 -1.84 -21.27
CA VAL B 69 9.44 -0.64 -21.09
C VAL B 69 9.58 -0.41 -19.57
N LEU B 70 10.77 -0.02 -19.09
CA LEU B 70 11.01 0.39 -17.71
C LEU B 70 11.04 1.90 -17.70
N VAL B 71 10.38 2.53 -16.73
CA VAL B 71 10.68 3.92 -16.42
C VAL B 71 11.58 3.94 -15.18
N ASP B 72 12.83 4.41 -15.36
CA ASP B 72 13.91 4.43 -14.38
C ASP B 72 14.33 3.00 -14.03
N ALA B 73 15.48 2.87 -13.37
CA ALA B 73 16.02 1.52 -13.18
C ALA B 73 16.65 1.34 -11.80
N GLY B 74 16.31 2.22 -10.84
CA GLY B 74 16.88 2.14 -9.49
C GLY B 74 18.39 2.46 -9.55
N THR B 75 19.16 1.88 -8.62
CA THR B 75 20.45 2.43 -8.21
C THR B 75 21.62 1.47 -8.47
N SER B 76 21.32 0.19 -8.74
CA SER B 76 22.31 -0.86 -8.54
C SER B 76 22.86 -0.80 -7.09
N ASP B 77 24.20 -0.80 -6.95
CA ASP B 77 24.88 -0.82 -5.66
C ASP B 77 25.47 0.54 -5.30
N ALA B 78 25.23 1.59 -6.11
CA ALA B 78 25.91 2.87 -5.98
C ALA B 78 25.70 3.58 -4.64
N LEU B 79 24.59 3.34 -3.95
CA LEU B 79 24.25 4.13 -2.77
C LEU B 79 24.13 3.19 -1.56
N GLY B 80 24.68 1.97 -1.69
CA GLY B 80 24.73 1.08 -0.55
C GLY B 80 23.74 -0.09 -0.64
N PRO B 81 23.73 -1.00 0.35
CA PRO B 81 22.84 -2.15 0.33
C PRO B 81 21.33 -1.92 0.56
N THR B 82 20.92 -0.68 0.85
CA THR B 82 19.48 -0.45 0.99
C THR B 82 18.79 -0.19 -0.36
N MET B 83 19.56 -0.20 -1.48
CA MET B 83 19.06 0.01 -2.83
C MET B 83 19.65 -1.07 -3.75
N GLY B 84 19.15 -1.10 -5.01
CA GLY B 84 19.53 -2.12 -5.98
C GLY B 84 18.63 -3.35 -5.94
N ARG B 85 17.44 -3.25 -5.33
CA ARG B 85 16.57 -4.42 -5.31
C ARG B 85 15.85 -4.62 -6.65
N LEU B 86 15.97 -3.69 -7.61
CA LEU B 86 15.12 -3.74 -8.80
C LEU B 86 15.19 -5.08 -9.52
N PRO B 87 16.39 -5.64 -9.85
CA PRO B 87 16.45 -6.94 -10.52
C PRO B 87 15.68 -8.06 -9.83
N SER B 88 15.60 -8.05 -8.49
CA SER B 88 14.82 -9.12 -7.87
C SER B 88 13.34 -8.74 -7.76
N ALA B 89 12.99 -7.44 -7.81
CA ALA B 89 11.58 -7.05 -7.90
C ALA B 89 11.00 -7.49 -9.25
N LEU B 90 11.80 -7.37 -10.33
CA LEU B 90 11.47 -7.83 -11.68
C LEU B 90 11.19 -9.33 -11.69
N GLU B 91 12.05 -10.12 -11.05
CA GLU B 91 11.81 -11.56 -10.90
C GLU B 91 10.49 -11.83 -10.19
N ALA B 92 10.21 -11.13 -9.10
CA ALA B 92 8.92 -11.20 -8.42
C ALA B 92 7.77 -10.99 -9.41
N ALA B 93 7.88 -10.00 -10.30
CA ALA B 93 6.83 -9.67 -11.27
C ALA B 93 6.82 -10.63 -12.47
N GLY B 94 7.66 -11.68 -12.43
CA GLY B 94 7.79 -12.71 -13.45
C GLY B 94 8.53 -12.26 -14.72
N VAL B 95 9.43 -11.26 -14.61
CA VAL B 95 10.09 -10.69 -15.78
C VAL B 95 11.61 -10.86 -15.64
N SER B 96 12.32 -11.32 -16.69
CA SER B 96 13.78 -11.19 -16.61
C SER B 96 14.25 -9.94 -17.34
N ALA B 97 15.44 -9.47 -16.94
CA ALA B 97 16.07 -8.28 -17.45
C ALA B 97 16.18 -8.29 -18.97
N ASP B 98 16.36 -9.47 -19.59
CA ASP B 98 16.62 -9.56 -21.01
C ASP B 98 15.35 -9.33 -21.86
N GLN B 99 14.17 -9.33 -21.20
CA GLN B 99 12.90 -9.05 -21.88
C GLN B 99 12.62 -7.55 -21.98
N VAL B 100 13.39 -6.69 -21.26
CA VAL B 100 13.10 -5.26 -21.28
C VAL B 100 13.51 -4.65 -22.61
N ASP B 101 12.62 -3.90 -23.28
CA ASP B 101 12.87 -3.43 -24.63
C ASP B 101 13.42 -2.02 -24.63
N ALA B 102 13.07 -1.25 -23.60
CA ALA B 102 13.44 0.14 -23.58
C ALA B 102 13.45 0.57 -22.14
N ILE B 103 14.39 1.46 -21.79
CA ILE B 103 14.45 2.07 -20.47
C ILE B 103 14.29 3.57 -20.67
N LEU B 104 13.21 4.16 -20.13
CA LEU B 104 12.98 5.59 -20.19
C LEU B 104 13.49 6.23 -18.91
N ILE B 105 14.44 7.16 -19.03
CA ILE B 105 15.12 7.76 -17.89
C ILE B 105 14.47 9.12 -17.66
N THR B 106 14.00 9.37 -16.41
CA THR B 106 13.45 10.67 -16.07
C THR B 106 14.57 11.69 -15.92
N HIS B 107 15.71 11.22 -15.42
CA HIS B 107 16.88 12.07 -15.24
C HIS B 107 18.01 11.18 -14.76
N MET B 108 19.24 11.66 -14.91
CA MET B 108 20.39 10.79 -14.89
C MET B 108 21.06 10.76 -13.50
N HIS B 109 20.25 10.90 -12.44
CA HIS B 109 20.73 10.72 -11.07
C HIS B 109 21.02 9.26 -10.75
N PRO B 110 21.83 9.00 -9.69
CA PRO B 110 22.24 7.63 -9.37
C PRO B 110 21.09 6.66 -9.15
N ASP B 111 20.02 7.12 -8.48
CA ASP B 111 18.90 6.29 -8.07
C ASP B 111 17.89 6.03 -9.20
N HIS B 112 18.14 6.58 -10.42
CA HIS B 112 17.28 6.37 -11.58
C HIS B 112 17.98 5.65 -12.74
N LEU B 113 19.28 5.98 -12.91
CA LEU B 113 20.06 5.55 -14.08
C LEU B 113 21.08 4.47 -13.72
N PHE B 114 21.71 4.55 -12.53
CA PHE B 114 22.83 3.66 -12.25
C PHE B 114 22.39 2.21 -12.22
N GLY B 115 21.07 1.95 -12.04
CA GLY B 115 20.67 0.55 -12.08
C GLY B 115 20.73 -0.08 -13.47
N VAL B 116 21.09 0.70 -14.51
CA VAL B 116 21.19 0.15 -15.87
C VAL B 116 22.54 -0.59 -16.11
N VAL B 117 23.57 -0.33 -15.29
CA VAL B 117 24.84 -1.07 -15.34
C VAL B 117 25.09 -1.85 -14.04
N ASP B 118 25.75 -3.02 -14.15
CA ASP B 118 26.22 -3.78 -13.00
C ASP B 118 27.61 -3.29 -12.53
N GLY B 119 28.20 -4.01 -11.56
CA GLY B 119 29.50 -3.69 -10.98
C GLY B 119 30.65 -3.57 -11.99
N GLU B 120 30.61 -4.38 -13.06
CA GLU B 120 31.67 -4.39 -14.07
C GLU B 120 31.41 -3.34 -15.17
N GLY B 121 30.32 -2.56 -15.08
CA GLY B 121 29.93 -1.69 -16.19
C GLY B 121 29.30 -2.44 -17.36
N LYS B 122 28.88 -3.69 -17.11
CA LYS B 122 28.11 -4.49 -18.05
C LYS B 122 26.64 -4.03 -17.98
N ARG B 123 25.94 -4.02 -19.13
CA ARG B 123 24.51 -3.75 -19.19
C ARG B 123 23.71 -4.75 -18.36
N VAL B 124 22.81 -4.24 -17.52
CA VAL B 124 21.89 -5.09 -16.77
C VAL B 124 20.79 -5.60 -17.70
N PHE B 125 20.42 -4.77 -18.69
CA PHE B 125 19.32 -5.04 -19.60
C PHE B 125 19.89 -5.15 -21.01
N ALA B 126 20.23 -6.39 -21.40
CA ALA B 126 21.07 -6.60 -22.57
C ALA B 126 20.40 -6.09 -23.85
N ASN B 127 19.06 -6.21 -23.92
CA ASN B 127 18.33 -6.01 -25.17
C ASN B 127 17.54 -4.70 -25.19
N ALA B 128 17.87 -3.74 -24.31
CA ALA B 128 17.07 -2.54 -24.17
C ALA B 128 17.74 -1.38 -24.84
N GLU B 129 16.90 -0.50 -25.40
CA GLU B 129 17.27 0.84 -25.80
C GLU B 129 17.27 1.69 -24.55
N LEU B 130 18.30 2.52 -24.38
CA LEU B 130 18.37 3.50 -23.31
C LEU B 130 17.91 4.85 -23.87
N ILE B 131 16.83 5.38 -23.29
CA ILE B 131 16.22 6.61 -23.75
C ILE B 131 16.47 7.69 -22.70
N LEU B 132 17.20 8.75 -23.12
CA LEU B 132 17.69 9.78 -22.24
C LEU B 132 17.13 11.11 -22.69
N PRO B 133 16.67 12.00 -21.80
CA PRO B 133 16.32 13.35 -22.22
C PRO B 133 17.65 14.00 -22.65
N GLU B 134 17.67 14.70 -23.80
CA GLU B 134 18.95 15.13 -24.37
C GLU B 134 19.46 16.36 -23.60
N VAL B 135 18.54 17.11 -23.01
CA VAL B 135 18.87 18.27 -22.18
C VAL B 135 19.61 17.83 -20.90
N ASP B 136 19.30 16.62 -20.42
CA ASP B 136 19.92 16.09 -19.21
C ASP B 136 21.26 15.48 -19.58
N ASN B 137 21.28 14.71 -20.68
CA ASN B 137 22.51 14.15 -21.22
C ASN B 137 23.56 15.24 -21.42
N ALA B 138 23.14 16.42 -21.92
CA ALA B 138 24.04 17.52 -22.25
C ALA B 138 24.68 18.04 -20.96
N PHE B 139 23.85 18.16 -19.91
CA PHE B 139 24.29 18.64 -18.61
C PHE B 139 25.34 17.69 -18.02
N TRP B 140 25.01 16.40 -17.91
CA TRP B 140 25.88 15.44 -17.27
C TRP B 140 27.18 15.24 -18.05
N TYR B 141 27.19 15.66 -19.32
CA TYR B 141 28.36 15.51 -20.20
C TYR B 141 29.13 16.82 -20.33
N ASP B 142 28.60 17.91 -19.77
CA ASP B 142 29.25 19.21 -19.71
C ASP B 142 30.33 19.22 -18.62
N ASP B 143 31.59 19.54 -19.02
CA ASP B 143 32.74 19.57 -18.11
C ASP B 143 32.75 20.83 -17.23
N ALA B 144 32.34 21.98 -17.76
CA ALA B 144 32.11 23.18 -16.98
C ALA B 144 31.31 22.85 -15.72
N ALA B 145 30.16 22.17 -15.93
CA ALA B 145 29.28 21.71 -14.86
C ALA B 145 30.03 20.75 -13.93
N MET B 146 30.72 19.75 -14.50
CA MET B 146 31.31 18.70 -13.69
C MET B 146 32.44 19.23 -12.81
N ASN B 147 33.16 20.25 -13.33
CA ASN B 147 34.35 20.77 -12.67
C ASN B 147 33.96 21.83 -11.64
N GLY B 148 32.84 22.53 -11.91
CA GLY B 148 32.23 23.44 -10.94
C GLY B 148 31.45 22.70 -9.85
N ALA B 149 31.53 21.38 -9.84
CA ALA B 149 30.75 20.58 -8.91
C ALA B 149 31.54 20.27 -7.64
N PRO B 150 30.98 20.57 -6.44
CA PRO B 150 31.53 20.06 -5.17
C PRO B 150 32.10 18.65 -5.33
N GLU B 151 33.34 18.48 -4.85
CA GLU B 151 34.21 17.35 -5.13
C GLU B 151 33.51 16.02 -4.86
N GLN B 152 32.62 15.99 -3.86
CA GLN B 152 31.95 14.77 -3.44
C GLN B 152 30.85 14.36 -4.43
N PHE B 153 30.51 15.28 -5.36
CA PHE B 153 29.41 15.11 -6.32
C PHE B 153 29.94 14.87 -7.73
N LYS B 154 31.25 15.06 -7.95
CA LYS B 154 31.87 14.73 -9.23
C LYS B 154 31.62 13.27 -9.63
N PRO B 155 31.66 12.26 -8.72
CA PRO B 155 31.29 10.87 -9.07
C PRO B 155 29.94 10.62 -9.74
N PHE B 156 28.98 11.55 -9.55
CA PHE B 156 27.67 11.53 -10.18
C PHE B 156 27.82 11.73 -11.68
N PHE B 157 28.55 12.79 -12.09
CA PHE B 157 28.80 13.01 -13.50
C PHE B 157 29.52 11.82 -14.10
N LEU B 158 30.55 11.34 -13.42
CA LEU B 158 31.38 10.28 -13.97
C LEU B 158 30.56 8.99 -14.06
N GLY B 159 29.76 8.71 -13.02
CA GLY B 159 28.95 7.50 -12.96
C GLY B 159 27.83 7.52 -14.01
N ALA B 160 27.26 8.71 -14.25
CA ALA B 160 26.19 8.90 -15.22
C ALA B 160 26.71 8.58 -16.62
N ARG B 161 27.91 9.09 -16.96
CA ARG B 161 28.56 8.82 -18.25
C ARG B 161 28.82 7.31 -18.43
N LYS B 162 29.34 6.66 -17.38
CA LYS B 162 29.67 5.26 -17.51
C LYS B 162 28.41 4.44 -17.76
N ALA B 163 27.31 4.78 -17.06
CA ALA B 163 26.05 4.06 -17.22
C ALA B 163 25.51 4.24 -18.64
N ALA B 164 25.39 5.49 -19.09
CA ALA B 164 24.95 5.79 -20.45
C ALA B 164 25.80 5.05 -21.50
N GLU B 165 27.13 5.01 -21.28
CA GLU B 165 28.03 4.50 -22.30
C GLU B 165 27.95 2.97 -22.44
N ALA B 166 27.47 2.26 -21.41
CA ALA B 166 27.32 0.83 -21.61
C ALA B 166 26.24 0.54 -22.68
N TYR B 167 25.45 1.57 -23.03
CA TYR B 167 24.37 1.47 -24.01
C TYR B 167 24.73 2.24 -25.29
N LYS B 168 26.04 2.41 -25.54
CA LYS B 168 26.53 3.07 -26.74
C LYS B 168 26.02 2.32 -27.97
N GLY B 169 25.44 3.08 -28.90
CA GLY B 169 24.87 2.49 -30.11
C GLY B 169 23.45 1.96 -29.89
N ASN B 170 22.88 2.18 -28.70
CA ASN B 170 21.49 1.80 -28.40
C ASN B 170 20.91 2.82 -27.44
N GLN B 171 21.16 4.11 -27.70
CA GLN B 171 20.61 5.21 -26.95
C GLN B 171 19.76 6.04 -27.90
N THR B 172 18.65 6.59 -27.40
CA THR B 172 17.89 7.59 -28.13
C THR B 172 17.83 8.79 -27.20
N LEU B 173 18.30 9.94 -27.68
CA LEU B 173 18.13 11.21 -27.00
C LEU B 173 16.80 11.83 -27.43
N ILE B 174 16.00 12.25 -26.46
CA ILE B 174 14.66 12.75 -26.72
C ILE B 174 14.54 14.16 -26.16
N SER B 175 13.56 14.90 -26.69
CA SER B 175 13.16 16.18 -26.13
C SER B 175 12.08 15.99 -25.07
N GLY B 176 11.70 17.11 -24.48
CA GLY B 176 10.77 17.23 -23.38
C GLY B 176 9.32 17.39 -23.85
N ASP B 177 9.07 17.29 -25.17
CA ASP B 177 7.70 17.26 -25.67
C ASP B 177 7.65 16.48 -26.99
N GLN B 178 7.63 15.15 -26.90
CA GLN B 178 7.63 14.36 -28.13
C GLN B 178 7.00 13.02 -27.83
N GLU B 179 6.42 12.38 -28.84
CA GLU B 179 5.97 11.01 -28.77
C GLU B 179 7.21 10.12 -28.82
N VAL B 180 7.33 9.21 -27.86
CA VAL B 180 8.57 8.47 -27.68
C VAL B 180 8.34 7.09 -28.28
N LEU B 181 7.25 6.48 -27.80
CA LEU B 181 6.79 5.17 -28.26
C LEU B 181 5.28 5.24 -28.30
N PRO B 182 4.58 4.30 -28.96
CA PRO B 182 3.11 4.37 -29.05
C PRO B 182 2.51 4.45 -27.65
N GLY B 183 1.72 5.50 -27.42
CA GLY B 183 1.04 5.78 -26.16
C GLY B 183 1.94 6.26 -25.01
N ILE B 184 3.14 6.74 -25.33
CA ILE B 184 4.08 7.32 -24.37
C ILE B 184 4.59 8.65 -24.93
N ARG B 185 4.28 9.73 -24.23
CA ARG B 185 4.82 11.04 -24.58
C ARG B 185 5.71 11.52 -23.44
N SER B 186 6.84 12.19 -23.75
CA SER B 186 7.66 12.85 -22.73
C SER B 186 7.00 14.16 -22.32
N MET B 187 7.30 14.63 -21.11
CA MET B 187 6.73 15.86 -20.58
C MET B 187 7.83 16.58 -19.78
N ALA B 188 8.26 17.76 -20.23
CA ALA B 188 9.38 18.49 -19.63
C ALA B 188 9.04 18.87 -18.18
N LEU B 189 9.87 18.46 -17.21
CA LEU B 189 9.60 18.86 -15.84
C LEU B 189 10.88 19.45 -15.24
N PRO B 190 11.43 20.58 -15.78
CA PRO B 190 12.79 21.01 -15.47
C PRO B 190 12.90 21.60 -14.06
N GLY B 191 14.12 21.51 -13.47
CA GLY B 191 14.34 22.16 -12.19
C GLY B 191 15.21 21.32 -11.26
N HIS B 192 14.69 20.15 -10.87
CA HIS B 192 15.43 19.12 -10.15
C HIS B 192 16.74 18.80 -10.87
N THR B 193 16.68 18.42 -12.16
CA THR B 193 17.85 18.56 -13.02
C THR B 193 17.42 19.38 -14.25
N PRO B 194 18.35 19.89 -15.10
CA PRO B 194 17.94 20.68 -16.28
C PRO B 194 16.98 19.96 -17.22
N GLY B 195 17.27 18.67 -17.50
CA GLY B 195 16.46 17.88 -18.42
C GLY B 195 15.54 16.87 -17.72
N HIS B 196 15.15 17.11 -16.46
CA HIS B 196 14.22 16.24 -15.75
C HIS B 196 12.90 16.16 -16.53
N THR B 197 12.49 14.93 -16.85
CA THR B 197 11.39 14.63 -17.75
C THR B 197 10.44 13.57 -17.15
N GLY B 198 9.14 13.83 -17.23
CA GLY B 198 8.10 12.85 -16.90
C GLY B 198 7.64 12.15 -18.17
N TYR B 199 6.86 11.07 -18.02
CA TYR B 199 6.40 10.27 -19.13
C TYR B 199 4.90 10.05 -18.96
N LEU B 200 4.16 10.45 -20.00
CA LEU B 200 2.71 10.33 -19.97
C LEU B 200 2.28 9.12 -20.80
N PHE B 201 1.61 8.17 -20.13
CA PHE B 201 1.12 6.93 -20.71
C PHE B 201 -0.39 7.08 -20.97
N ASP B 202 -0.82 6.73 -22.19
CA ASP B 202 -2.25 6.75 -22.47
C ASP B 202 -2.64 5.51 -23.30
N SER B 203 -3.73 4.86 -22.87
CA SER B 203 -4.25 3.64 -23.49
C SER B 203 -5.76 3.62 -23.30
N ASN B 204 -6.50 3.54 -24.41
CA ASN B 204 -7.95 3.32 -24.38
C ASN B 204 -8.63 4.33 -23.48
N GLY B 205 -8.25 5.62 -23.62
CA GLY B 205 -8.88 6.70 -22.85
C GLY B 205 -8.47 6.78 -21.36
N GLU B 206 -7.47 6.02 -20.93
CA GLU B 206 -6.98 6.15 -19.55
C GLU B 206 -5.53 6.64 -19.54
N THR B 207 -5.14 7.40 -18.50
CA THR B 207 -3.88 8.13 -18.44
C THR B 207 -3.14 7.86 -17.11
N LEU B 208 -1.80 7.72 -17.20
CA LEU B 208 -0.90 7.74 -16.04
C LEU B 208 0.34 8.59 -16.37
N ALA B 209 0.59 9.60 -15.52
CA ALA B 209 1.81 10.39 -15.60
C ALA B 209 2.87 9.85 -14.62
N ILE B 210 4.01 9.38 -15.14
CA ILE B 210 5.12 8.90 -14.32
C ILE B 210 6.12 10.06 -14.23
N ALA B 211 6.12 10.72 -13.06
CA ALA B 211 6.61 12.08 -12.96
C ALA B 211 7.99 12.18 -12.30
N GLY B 212 8.72 11.06 -12.16
CA GLY B 212 10.09 11.05 -11.63
C GLY B 212 10.20 11.78 -10.27
N ASP B 213 11.14 12.75 -10.16
CA ASP B 213 11.48 13.43 -8.90
C ASP B 213 10.74 14.75 -8.76
N ILE B 214 9.44 14.78 -9.15
CA ILE B 214 8.58 15.95 -8.96
C ILE B 214 8.42 16.26 -7.46
N ILE B 215 8.67 15.25 -6.60
CA ILE B 215 8.54 15.41 -5.16
C ILE B 215 9.48 14.40 -4.50
N HIS B 216 10.08 14.76 -3.35
CA HIS B 216 10.98 13.84 -2.65
C HIS B 216 10.48 13.42 -1.25
N MET B 217 9.84 14.35 -0.54
CA MET B 217 9.43 14.12 0.83
C MET B 217 7.94 14.41 0.96
N THR B 218 7.11 13.37 0.83
CA THR B 218 5.69 13.61 0.75
C THR B 218 5.13 14.01 2.12
N ALA B 219 5.90 13.79 3.20
CA ALA B 219 5.46 14.25 4.52
C ALA B 219 5.46 15.78 4.60
N TYR B 220 6.24 16.45 3.74
CA TYR B 220 6.40 17.89 3.78
C TYR B 220 5.85 18.57 2.53
N GLN B 221 6.16 18.03 1.34
CA GLN B 221 6.09 18.86 0.13
C GLN B 221 4.73 18.85 -0.61
N PHE B 222 3.75 18.06 -0.13
CA PHE B 222 2.37 18.29 -0.56
C PHE B 222 1.78 19.48 0.20
N ASP B 223 1.97 19.48 1.52
CA ASP B 223 1.57 20.61 2.35
C ASP B 223 2.36 21.88 2.02
N ARG B 224 3.65 21.74 1.69
CA ARG B 224 4.56 22.87 1.51
C ARG B 224 5.32 22.65 0.21
N PRO B 225 4.68 22.83 -0.97
CA PRO B 225 5.34 22.53 -2.25
C PRO B 225 6.48 23.51 -2.55
N ASP B 226 6.54 24.58 -1.72
CA ASP B 226 7.60 25.59 -1.73
C ASP B 226 8.92 25.06 -1.13
N TRP B 227 8.89 23.99 -0.31
CA TRP B 227 10.14 23.41 0.19
C TRP B 227 10.79 22.59 -0.90
N GLY B 228 12.10 22.71 -0.96
CA GLY B 228 12.92 21.93 -1.89
C GLY B 228 13.81 20.95 -1.13
N ILE B 229 14.70 20.33 -1.89
CA ILE B 229 15.67 19.41 -1.35
C ILE B 229 16.99 19.85 -1.96
N GLY B 230 18.09 19.73 -1.20
CA GLY B 230 19.39 20.17 -1.67
C GLY B 230 19.87 19.55 -2.98
N PHE B 231 19.28 18.41 -3.39
CA PHE B 231 19.76 17.74 -4.60
C PHE B 231 19.11 18.29 -5.87
N ASP B 232 18.12 19.19 -5.72
CA ASP B 232 17.58 19.99 -6.82
C ASP B 232 18.71 20.84 -7.40
N ILE B 233 19.05 20.69 -8.69
CA ILE B 233 20.07 21.53 -9.31
C ILE B 233 19.61 22.98 -9.28
N ASP B 234 18.31 23.21 -9.49
CA ASP B 234 17.75 24.54 -9.49
C ASP B 234 16.46 24.51 -8.68
N SER B 235 16.57 24.86 -7.39
CA SER B 235 15.50 24.61 -6.46
C SER B 235 14.27 25.52 -6.71
N PRO B 236 14.41 26.83 -7.02
CA PRO B 236 13.23 27.67 -7.34
C PRO B 236 12.46 27.24 -8.61
N LYS B 237 13.20 26.75 -9.61
CA LYS B 237 12.65 26.18 -10.83
C LYS B 237 11.85 24.91 -10.51
N ALA B 238 12.47 24.00 -9.74
CA ALA B 238 11.83 22.76 -9.31
C ALA B 238 10.54 23.05 -8.56
N VAL B 239 10.54 24.13 -7.77
CA VAL B 239 9.35 24.56 -7.03
C VAL B 239 8.26 25.00 -8.01
N GLU B 240 8.62 25.75 -9.05
CA GLU B 240 7.64 26.27 -9.99
C GLU B 240 7.04 25.11 -10.80
N THR B 241 7.88 24.15 -11.25
CA THR B 241 7.50 22.96 -12.02
C THR B 241 6.59 22.03 -11.20
N ARG B 242 6.87 21.83 -9.90
CA ARG B 242 6.04 21.03 -9.00
C ARG B 242 4.67 21.65 -8.82
N LYS B 243 4.64 22.97 -8.56
CA LYS B 243 3.38 23.66 -8.32
C LYS B 243 2.49 23.60 -9.56
N ALA B 244 3.09 23.82 -10.74
CA ALA B 244 2.42 23.70 -12.04
C ALA B 244 1.92 22.28 -12.28
N PHE B 245 2.78 21.28 -12.08
CA PHE B 245 2.41 19.87 -12.19
C PHE B 245 1.22 19.52 -11.29
N LEU B 246 1.29 19.89 -9.99
CA LEU B 246 0.26 19.51 -9.03
C LEU B 246 -1.07 20.26 -9.26
N ASP B 247 -0.99 21.53 -9.69
CA ASP B 247 -2.18 22.31 -10.06
C ASP B 247 -2.96 21.64 -11.20
N GLN B 248 -2.24 21.31 -12.27
CA GLN B 248 -2.78 20.54 -13.38
C GLN B 248 -3.39 19.21 -12.92
N ALA B 249 -2.58 18.40 -12.21
CA ALA B 249 -3.01 17.09 -11.75
C ALA B 249 -4.27 17.22 -10.88
N ALA B 250 -4.33 18.25 -10.03
CA ALA B 250 -5.47 18.37 -9.12
C ALA B 250 -6.77 18.64 -9.92
N GLY B 251 -6.67 19.53 -10.91
CA GLY B 251 -7.81 20.03 -11.71
C GLY B 251 -8.31 18.99 -12.69
N ASP B 252 -7.41 18.15 -13.24
CA ASP B 252 -7.77 17.06 -14.14
C ASP B 252 -7.99 15.75 -13.39
N LYS B 253 -7.75 15.69 -12.07
CA LYS B 253 -7.76 14.44 -11.33
C LYS B 253 -6.88 13.38 -12.00
N LEU B 254 -5.68 13.79 -12.46
CA LEU B 254 -4.71 12.91 -13.12
C LEU B 254 -4.10 11.95 -12.10
N PHE B 255 -4.13 10.66 -12.46
CA PHE B 255 -3.37 9.60 -11.82
C PHE B 255 -1.89 9.81 -12.13
N PHE B 256 -1.03 9.90 -11.09
CA PHE B 256 0.39 10.04 -11.35
C PHE B 256 1.17 9.11 -10.41
N ALA B 257 2.43 8.89 -10.77
CA ALA B 257 3.39 8.08 -10.03
C ALA B 257 4.65 8.91 -9.84
N GLY B 258 5.26 8.77 -8.64
CA GLY B 258 6.50 9.47 -8.31
C GLY B 258 7.53 8.50 -7.75
N ALA B 259 8.79 8.68 -8.17
CA ALA B 259 9.89 7.82 -7.77
C ALA B 259 10.09 7.78 -6.25
N HIS B 260 9.69 8.82 -5.50
CA HIS B 260 9.97 8.90 -4.07
C HIS B 260 8.68 9.10 -3.26
N ILE B 261 7.53 8.80 -3.88
CA ILE B 261 6.24 8.75 -3.17
C ILE B 261 6.14 7.37 -2.51
N PRO B 262 5.67 7.28 -1.23
CA PRO B 262 5.56 6.00 -0.53
C PRO B 262 5.03 4.92 -1.47
N PHE B 263 5.78 3.80 -1.54
CA PHE B 263 5.55 2.72 -2.48
C PHE B 263 4.09 2.25 -2.34
N PRO B 264 3.30 1.99 -3.42
CA PRO B 264 3.77 2.01 -4.82
C PRO B 264 3.96 3.34 -5.54
N GLY B 265 3.70 4.46 -4.84
CA GLY B 265 4.09 5.74 -5.42
C GLY B 265 3.01 6.37 -6.30
N MET B 266 1.78 5.84 -6.27
CA MET B 266 0.79 6.24 -7.25
C MET B 266 -0.45 6.80 -6.58
N GLY B 267 -1.02 7.85 -7.18
CA GLY B 267 -2.25 8.41 -6.64
C GLY B 267 -2.59 9.70 -7.34
N ARG B 268 -3.29 10.57 -6.61
N ARG B 268 -3.33 10.56 -6.62
CA ARG B 268 -3.87 11.79 -7.14
CA ARG B 268 -3.88 11.79 -7.14
C ARG B 268 -3.80 12.84 -6.03
C ARG B 268 -3.78 12.83 -6.04
N VAL B 269 -3.95 14.11 -6.39
CA VAL B 269 -3.95 15.18 -5.41
C VAL B 269 -5.26 15.96 -5.44
N VAL B 270 -5.64 16.44 -4.26
CA VAL B 270 -6.65 17.46 -4.04
C VAL B 270 -5.93 18.78 -3.66
N LYS B 271 -6.33 19.90 -4.29
CA LYS B 271 -5.83 21.23 -3.93
C LYS B 271 -6.43 21.65 -2.59
N GLU B 272 -5.59 22.17 -1.67
CA GLU B 272 -6.02 22.52 -0.32
C GLU B 272 -5.26 23.75 0.20
N GLY B 273 -5.94 24.90 0.34
CA GLY B 273 -5.24 26.13 0.62
C GLY B 273 -4.13 26.32 -0.41
N ASP B 274 -2.88 26.53 0.06
CA ASP B 274 -1.76 26.80 -0.84
C ASP B 274 -0.90 25.56 -1.03
N GLY B 275 -1.38 24.42 -0.54
CA GLY B 275 -0.79 23.13 -0.89
C GLY B 275 -1.83 22.11 -1.36
N TYR B 276 -1.54 20.84 -1.05
CA TYR B 276 -2.20 19.70 -1.67
C TYR B 276 -2.31 18.58 -0.65
N ARG B 277 -3.24 17.66 -0.87
CA ARG B 277 -3.35 16.47 -0.06
C ARG B 277 -3.29 15.32 -1.06
N PHE B 278 -2.40 14.37 -0.82
CA PHE B 278 -2.24 13.23 -1.73
C PHE B 278 -3.28 12.20 -1.36
N VAL B 279 -3.89 11.57 -2.37
CA VAL B 279 -4.85 10.50 -2.10
C VAL B 279 -4.26 9.28 -2.78
N ALA B 280 -3.78 8.31 -1.98
CA ALA B 280 -3.03 7.19 -2.55
C ALA B 280 -3.96 6.34 -3.40
N ALA B 281 -3.44 5.69 -4.44
CA ALA B 281 -4.28 4.78 -5.21
C ALA B 281 -4.74 3.65 -4.29
N ASN B 282 -5.96 3.11 -4.52
CA ASN B 282 -6.37 1.89 -3.82
C ASN B 282 -5.46 0.75 -4.26
N TRP B 283 -5.34 -0.28 -3.44
CA TRP B 283 -4.66 -1.52 -3.78
C TRP B 283 -5.31 -2.11 -5.04
N PRO B 284 -4.57 -2.74 -5.97
CA PRO B 284 -5.20 -3.28 -7.19
C PRO B 284 -5.98 -4.57 -6.92
N TYR B 285 -7.15 -4.50 -6.25
CA TYR B 285 -7.86 -5.71 -5.82
C TYR B 285 -8.27 -6.60 -7.00
N ALA B 286 -8.88 -6.00 -8.02
CA ALA B 286 -9.57 -6.77 -9.07
C ALA B 286 -8.55 -7.31 -10.05
N TYR B 287 -7.56 -6.48 -10.41
CA TYR B 287 -6.55 -6.84 -11.38
C TYR B 287 -5.90 -8.17 -10.98
N THR B 288 -5.40 -8.20 -9.75
CA THR B 288 -4.66 -9.33 -9.21
C THR B 288 -5.61 -10.48 -8.85
N GLY B 289 -6.85 -10.16 -8.44
CA GLY B 289 -7.74 -11.16 -7.86
C GLY B 289 -9.00 -11.46 -8.68
N LEU B 290 -8.93 -11.23 -10.00
CA LEU B 290 -10.02 -11.56 -10.90
C LEU B 290 -9.55 -11.38 -12.35
N GLU B 291 -9.72 -10.17 -12.89
CA GLU B 291 -9.48 -9.78 -14.27
C GLU B 291 -8.54 -10.71 -15.04
N VAL B 292 -7.40 -11.10 -14.46
CA VAL B 292 -6.52 -12.08 -15.09
C VAL B 292 -6.21 -13.18 -14.07
#